data_8CNO
#
_entry.id   8CNO
#
_cell.length_a   91.276
_cell.length_b   91.276
_cell.length_c   143.230
_cell.angle_alpha   90.00
_cell.angle_beta   90.00
_cell.angle_gamma   120.00
#
_symmetry.space_group_name_H-M   'P 63'
#
loop_
_entity.id
_entity.type
_entity.pdbx_description
1 polymer 'NAD-dependent protein deacetylase sirtuin-6'
2 non-polymer '[(2R,3S,4R,5R)-5-(6-AMINOPURIN-9-YL)-3,4-DIHYDROXY-OXOLAN-2-YL]METHYL [HYDROXY-[[(2R,3S,4R,5S)-3,4,5-TRIHYDROXYOXOLAN-2-YL]METHOXY]PHOSPHORYL] HYDROGEN PHOSPHATE'
3 non-polymer 'ZINC ION'
4 non-polymer RESVERATROL
5 non-polymer 'TETRAETHYLENE GLYCOL'
6 non-polymer 1,2-ETHANEDIOL
7 non-polymer 'SULFATE ION'
8 non-polymer 'CHLORIDE ION'
9 non-polymer DI(HYDROXYETHYL)ETHER
10 non-polymer 'TRIETHYLENE GLYCOL'
11 water water
#
_entity_poly.entity_id   1
_entity_poly.type   'polypeptide(L)'
_entity_poly.pdbx_seq_one_letter_code
;GIDPFTADKGKCGLPEIFDPPEELERKVWELARLVWQSSSVVFHTGAGISTASGIPDFRGPHGVWTMEERGLAPKFDTTF
ESARPTQTHMALVQLERVGLLRFLVSQNVDGLHVRSGFPRDKLAELHGNMFVEECAKCKTQYVRDTVVGTMGLKATGRLC
TVAKARGLRACRGELRDTILDWEDSLPDRDLALADEASRNADLSITLGTSLQIRPSGNLPLATKRRGGRLVIVNLQPTKH
DRHADLRIHGYVDEVMTRLMKHLGLEIPAWDGPRVLERALPPLPRPPTPKLEPKEESPTRIN
;
_entity_poly.pdbx_strand_id   A,B
#
# COMPACT_ATOMS: atom_id res chain seq x y z
N PRO A 4 30.25 -6.31 -5.03
CA PRO A 4 28.82 -6.57 -5.23
C PRO A 4 28.39 -7.97 -4.80
N PHE A 5 29.24 -8.97 -5.08
CA PHE A 5 28.90 -10.42 -5.04
C PHE A 5 29.23 -11.01 -3.67
N THR A 6 30.42 -10.69 -3.14
CA THR A 6 30.91 -11.17 -1.82
C THR A 6 30.28 -10.32 -0.69
N ALA A 7 29.81 -9.11 -1.02
CA ALA A 7 29.28 -8.11 -0.07
C ALA A 7 28.50 -8.82 1.06
N ASP A 8 28.89 -8.56 2.31
CA ASP A 8 28.17 -9.03 3.52
C ASP A 8 26.78 -8.37 3.55
N LYS A 9 25.72 -9.17 3.43
CA LYS A 9 24.32 -8.65 3.36
C LYS A 9 23.67 -8.76 4.74
N GLY A 10 24.42 -9.19 5.75
CA GLY A 10 23.99 -9.14 7.15
C GLY A 10 23.10 -10.30 7.49
N LYS A 11 22.46 -10.21 8.66
CA LYS A 11 21.47 -11.19 9.17
C LYS A 11 20.17 -11.01 8.38
N CYS A 12 19.86 -12.03 7.58
CA CYS A 12 18.65 -12.12 6.74
C CYS A 12 17.66 -13.12 7.32
N GLY A 13 16.39 -12.73 7.36
CA GLY A 13 15.26 -13.66 7.52
C GLY A 13 15.10 -14.07 8.98
N LEU A 14 15.52 -13.23 9.93
CA LEU A 14 15.28 -13.52 11.36
C LEU A 14 13.78 -13.60 11.61
N PRO A 15 13.32 -14.37 12.62
CA PRO A 15 11.89 -14.54 12.88
C PRO A 15 11.25 -13.18 13.25
N GLU A 16 9.98 -13.02 12.91
CA GLU A 16 9.23 -11.79 13.31
C GLU A 16 8.74 -11.94 14.75
N ILE A 17 8.60 -10.81 15.40
CA ILE A 17 8.12 -10.71 16.81
C ILE A 17 6.86 -9.85 16.73
N PHE A 18 5.79 -10.28 17.40
CA PHE A 18 4.49 -9.58 17.43
C PHE A 18 4.11 -9.37 18.91
N ASP A 19 4.18 -8.14 19.38
CA ASP A 19 3.65 -7.76 20.72
C ASP A 19 2.19 -8.15 20.79
N PRO A 20 1.71 -8.80 21.88
CA PRO A 20 0.27 -9.00 22.03
C PRO A 20 -0.41 -7.63 22.12
N PRO A 21 -1.67 -7.50 21.64
CA PRO A 21 -2.38 -6.23 21.57
C PRO A 21 -2.37 -5.29 22.79
N GLU A 22 -2.49 -5.86 23.99
CA GLU A 22 -2.50 -5.08 25.25
C GLU A 22 -1.12 -4.41 25.41
N GLU A 23 -0.04 -5.19 25.20
CA GLU A 23 1.35 -4.68 25.32
C GLU A 23 1.62 -3.66 24.20
N LEU A 24 1.09 -3.91 23.02
CA LEU A 24 1.25 -3.01 21.85
C LEU A 24 0.61 -1.66 22.18
N GLU A 25 -0.63 -1.71 22.62
CA GLU A 25 -1.42 -0.51 23.01
C GLU A 25 -0.67 0.25 24.12
N ARG A 26 -0.16 -0.44 25.12
CA ARG A 26 0.55 0.23 26.24
C ARG A 26 1.84 0.91 25.76
N LYS A 27 2.57 0.24 24.88
CA LYS A 27 3.85 0.77 24.34
C LYS A 27 3.59 1.96 23.42
N VAL A 28 2.50 1.97 22.68
CA VAL A 28 2.22 3.12 21.77
C VAL A 28 1.85 4.33 22.63
N TRP A 29 1.17 4.13 23.75
CA TRP A 29 0.88 5.20 24.73
C TRP A 29 2.20 5.74 25.32
N GLU A 30 3.16 4.87 25.67
CA GLU A 30 4.51 5.27 26.14
C GLU A 30 5.21 6.11 25.05
N LEU A 31 5.10 5.70 23.79
CA LEU A 31 5.72 6.43 22.66
C LEU A 31 5.09 7.82 22.63
N ALA A 32 3.76 7.90 22.72
CA ALA A 32 3.01 9.18 22.76
C ALA A 32 3.60 10.05 23.87
N ARG A 33 3.75 9.50 25.10
CA ARG A 33 4.34 10.19 26.27
C ARG A 33 5.73 10.74 25.88
N LEU A 34 6.61 9.91 25.33
CA LEU A 34 7.97 10.34 24.88
C LEU A 34 7.88 11.48 23.87
N VAL A 35 7.03 11.39 22.86
CA VAL A 35 6.97 12.44 21.81
C VAL A 35 6.57 13.77 22.48
N TRP A 36 5.60 13.76 23.38
CA TRP A 36 5.04 14.99 24.04
C TRP A 36 6.15 15.66 24.87
N GLN A 37 7.02 14.86 25.50
CA GLN A 37 8.07 15.33 26.45
C GLN A 37 9.33 15.82 25.74
N SER A 38 9.51 15.44 24.48
CA SER A 38 10.79 15.63 23.78
C SER A 38 10.81 16.97 23.06
N SER A 39 11.89 17.74 23.25
CA SER A 39 12.12 19.02 22.55
C SER A 39 12.43 18.74 21.08
N SER A 40 13.20 17.69 20.79
CA SER A 40 13.82 17.49 19.46
C SER A 40 13.66 16.03 19.04
N VAL A 41 12.66 15.73 18.21
CA VAL A 41 12.34 14.32 17.83
C VAL A 41 12.87 14.05 16.41
N VAL A 42 13.65 12.97 16.23
CA VAL A 42 14.26 12.57 14.93
C VAL A 42 13.77 11.17 14.58
N PHE A 43 13.26 11.02 13.35
CA PHE A 43 12.78 9.72 12.86
C PHE A 43 13.82 9.19 11.89
N HIS A 44 14.07 7.91 12.02
CA HIS A 44 14.93 7.11 11.13
C HIS A 44 14.10 6.00 10.49
N THR A 45 14.08 5.95 9.16
CA THR A 45 13.16 5.04 8.41
C THR A 45 14.03 4.15 7.51
N GLY A 46 13.58 2.93 7.33
CA GLY A 46 14.08 1.97 6.34
C GLY A 46 12.94 1.26 5.67
N ALA A 47 13.35 0.21 4.96
CA ALA A 47 12.58 -0.44 3.89
C ALA A 47 11.25 -0.95 4.45
N GLY A 48 11.16 -1.26 5.73
CA GLY A 48 9.92 -1.78 6.33
C GLY A 48 8.77 -0.78 6.26
N ILE A 49 9.00 0.52 6.11
CA ILE A 49 7.88 1.52 6.06
C ILE A 49 7.25 1.55 4.65
N SER A 50 7.77 0.81 3.66
CA SER A 50 7.30 0.76 2.26
C SER A 50 6.72 -0.60 1.85
N THR A 51 6.81 -1.60 2.72
CA THR A 51 6.38 -3.00 2.47
C THR A 51 4.87 -2.94 2.20
N ALA A 52 4.15 -2.07 2.91
CA ALA A 52 2.67 -1.92 2.85
C ALA A 52 2.21 -1.19 1.56
N SER A 53 3.13 -0.67 0.76
CA SER A 53 2.89 -0.12 -0.60
C SER A 53 3.30 -1.12 -1.71
N GLY A 54 3.77 -2.32 -1.35
CA GLY A 54 4.12 -3.42 -2.28
C GLY A 54 5.59 -3.48 -2.66
N ILE A 55 6.43 -2.65 -2.05
CA ILE A 55 7.90 -2.70 -2.24
C ILE A 55 8.47 -3.62 -1.18
N PRO A 56 9.16 -4.73 -1.56
CA PRO A 56 9.70 -5.64 -0.57
C PRO A 56 10.93 -5.02 0.12
N ASP A 57 11.15 -5.40 1.38
CA ASP A 57 12.36 -4.97 2.12
C ASP A 57 13.54 -5.87 1.70
N PHE A 58 14.65 -5.80 2.45
CA PHE A 58 15.92 -6.48 2.17
C PHE A 58 16.09 -7.72 3.04
N ARG A 59 15.79 -7.63 4.36
CA ARG A 59 16.21 -8.64 5.38
C ARG A 59 14.99 -9.27 6.02
N GLY A 60 13.77 -8.92 5.59
CA GLY A 60 12.55 -9.55 6.11
C GLY A 60 12.36 -10.98 5.59
N PRO A 61 11.28 -11.67 6.03
CA PRO A 61 11.05 -13.06 5.65
C PRO A 61 11.10 -13.21 4.12
N HIS A 62 10.48 -12.26 3.43
CA HIS A 62 10.45 -12.19 1.94
C HIS A 62 11.29 -11.05 1.39
N GLY A 63 12.32 -10.62 2.10
CA GLY A 63 13.19 -9.54 1.57
C GLY A 63 14.05 -9.94 0.39
N VAL A 64 14.53 -8.93 -0.35
CA VAL A 64 15.45 -9.14 -1.50
C VAL A 64 16.57 -10.12 -1.09
N TRP A 65 17.40 -9.79 -0.09
CA TRP A 65 18.59 -10.61 0.26
C TRP A 65 18.15 -11.95 0.84
N THR A 66 17.13 -11.96 1.70
CA THR A 66 16.57 -13.19 2.33
C THR A 66 16.14 -14.19 1.23
N MET A 67 15.40 -13.72 0.24
CA MET A 67 14.88 -14.50 -0.92
C MET A 67 16.09 -14.99 -1.73
N GLU A 68 17.10 -14.13 -1.94
CA GLU A 68 18.29 -14.45 -2.77
C GLU A 68 19.05 -15.62 -2.08
N GLU A 69 19.23 -15.53 -0.76
CA GLU A 69 19.88 -16.57 0.08
C GLU A 69 19.25 -17.94 -0.20
N ARG A 70 17.94 -17.99 -0.50
CA ARG A 70 17.19 -19.26 -0.68
C ARG A 70 16.97 -19.54 -2.16
N GLY A 71 17.67 -18.82 -3.04
CA GLY A 71 17.53 -18.97 -4.51
C GLY A 71 16.16 -18.58 -5.03
N LEU A 72 15.44 -17.68 -4.33
CA LEU A 72 14.11 -17.19 -4.78
C LEU A 72 14.21 -15.69 -5.05
N ALA A 73 13.14 -15.08 -5.54
CA ALA A 73 13.12 -13.69 -6.04
C ALA A 73 12.28 -12.84 -5.09
N PRO A 74 12.63 -11.55 -4.87
CA PRO A 74 11.70 -10.62 -4.21
C PRO A 74 10.51 -10.40 -5.15
N LYS A 75 9.36 -10.03 -4.57
CA LYS A 75 8.17 -9.77 -5.40
C LYS A 75 7.77 -8.32 -5.14
N PHE A 76 7.65 -7.55 -6.22
CA PHE A 76 7.06 -6.17 -6.24
C PHE A 76 5.59 -6.28 -6.61
N ASP A 77 4.72 -5.61 -5.86
CA ASP A 77 3.27 -5.46 -6.15
C ASP A 77 3.00 -4.06 -6.70
N THR A 78 4.04 -3.27 -6.92
CA THR A 78 4.01 -1.94 -7.56
C THR A 78 5.27 -1.66 -8.40
N THR A 79 5.20 -0.71 -9.33
CA THR A 79 6.43 -0.05 -9.84
C THR A 79 6.79 1.04 -8.86
N PHE A 80 8.04 1.53 -8.92
CA PHE A 80 8.42 2.63 -8.01
C PHE A 80 7.58 3.85 -8.36
N GLU A 81 7.21 4.03 -9.63
CA GLU A 81 6.45 5.24 -10.07
C GLU A 81 4.99 5.16 -9.61
N SER A 82 4.43 3.97 -9.46
CA SER A 82 3.00 3.77 -9.08
C SER A 82 2.86 3.50 -7.58
N ALA A 83 3.95 3.48 -6.81
CA ALA A 83 3.90 3.19 -5.35
C ALA A 83 3.24 4.39 -4.70
N ARG A 84 2.32 4.18 -3.76
CA ARG A 84 1.75 5.31 -2.98
C ARG A 84 2.42 5.34 -1.61
N PRO A 85 2.73 6.54 -1.04
CA PRO A 85 3.17 6.64 0.34
C PRO A 85 2.16 5.93 1.26
N THR A 86 2.68 5.17 2.21
CA THR A 86 1.91 4.50 3.28
C THR A 86 1.33 5.53 4.24
N GLN A 87 0.44 5.04 5.10
CA GLN A 87 -0.09 5.77 6.29
C GLN A 87 1.13 6.29 7.07
N THR A 88 2.15 5.46 7.29
CA THR A 88 3.40 5.88 8.00
C THR A 88 4.03 7.07 7.26
N HIS A 89 4.25 7.02 5.94
CA HIS A 89 4.87 8.16 5.21
C HIS A 89 4.09 9.44 5.48
N MET A 90 2.78 9.37 5.34
CA MET A 90 1.89 10.55 5.47
C MET A 90 1.82 11.01 6.94
N ALA A 91 1.96 10.11 7.93
CA ALA A 91 1.96 10.51 9.35
C ALA A 91 3.19 11.41 9.56
N LEU A 92 4.31 11.02 8.98
CA LEU A 92 5.61 11.73 9.14
C LEU A 92 5.47 13.14 8.53
N VAL A 93 4.74 13.25 7.41
CA VAL A 93 4.43 14.54 6.73
C VAL A 93 3.76 15.47 7.75
N GLN A 94 2.70 14.99 8.39
CA GLN A 94 1.90 15.78 9.36
C GLN A 94 2.77 16.12 10.59
N LEU A 95 3.60 15.19 11.10
CA LEU A 95 4.40 15.32 12.36
C LEU A 95 5.44 16.41 12.10
N GLU A 96 5.94 16.47 10.86
CA GLU A 96 6.83 17.61 10.52
C GLU A 96 6.03 18.91 10.53
N ARG A 97 4.87 18.90 9.90
CA ARG A 97 4.05 20.11 9.61
C ARG A 97 3.65 20.82 10.90
N VAL A 98 3.38 20.06 11.98
CA VAL A 98 2.88 20.60 13.29
C VAL A 98 4.07 20.78 14.26
N GLY A 99 5.29 20.56 13.79
CA GLY A 99 6.56 20.84 14.50
C GLY A 99 6.95 19.80 15.54
N LEU A 100 6.47 18.55 15.41
CA LEU A 100 6.75 17.40 16.31
C LEU A 100 7.83 16.47 15.73
N LEU A 101 8.22 16.67 14.47
CA LEU A 101 9.37 15.99 13.83
C LEU A 101 10.40 17.09 13.55
N ARG A 102 11.57 17.00 14.17
CA ARG A 102 12.72 17.91 13.90
C ARG A 102 13.36 17.55 12.55
N PHE A 103 13.69 16.29 12.32
CA PHE A 103 14.41 15.87 11.09
C PHE A 103 14.14 14.39 10.86
N LEU A 104 14.28 13.99 9.62
CA LEU A 104 13.97 12.64 9.12
C LEU A 104 15.19 12.07 8.39
N VAL A 105 15.71 10.98 8.93
CA VAL A 105 16.85 10.23 8.31
C VAL A 105 16.38 8.92 7.69
N SER A 106 16.62 8.71 6.39
CA SER A 106 16.10 7.54 5.65
C SER A 106 17.24 6.83 4.90
N GLN A 107 17.27 5.51 4.99
CA GLN A 107 18.06 4.57 4.14
C GLN A 107 17.32 4.25 2.83
N ASN A 108 16.08 4.71 2.63
CA ASN A 108 15.27 4.22 1.48
C ASN A 108 15.68 4.99 0.22
N VAL A 109 15.83 4.25 -0.88
CA VAL A 109 16.04 4.81 -2.27
C VAL A 109 14.73 4.88 -3.08
N ASP A 110 13.61 4.53 -2.45
CA ASP A 110 12.29 4.29 -3.12
C ASP A 110 11.59 5.62 -3.47
N GLY A 111 12.13 6.80 -3.13
CA GLY A 111 11.58 8.13 -3.53
C GLY A 111 10.29 8.54 -2.80
N LEU A 112 9.75 7.71 -1.89
CA LEU A 112 8.39 7.87 -1.31
C LEU A 112 8.35 9.03 -0.31
N HIS A 113 9.40 9.32 0.47
CA HIS A 113 9.33 10.52 1.34
C HIS A 113 9.14 11.79 0.47
N VAL A 114 10.01 12.00 -0.51
CA VAL A 114 10.01 13.20 -1.41
C VAL A 114 8.60 13.33 -2.01
N ARG A 115 8.16 12.23 -2.64
CA ARG A 115 6.88 12.12 -3.41
C ARG A 115 5.67 12.33 -2.49
N SER A 116 5.73 11.94 -1.20
CA SER A 116 4.74 12.28 -0.16
C SER A 116 4.65 13.80 0.09
N GLY A 117 5.63 14.62 -0.31
CA GLY A 117 5.62 16.10 -0.10
C GLY A 117 6.35 16.48 1.18
N PHE A 118 7.14 15.58 1.75
CA PHE A 118 7.98 15.80 2.95
C PHE A 118 9.10 16.77 2.55
N PRO A 119 9.41 17.79 3.36
CA PRO A 119 10.34 18.85 2.93
C PRO A 119 11.78 18.31 2.90
N ARG A 120 12.42 18.45 1.73
CA ARG A 120 13.78 17.95 1.42
C ARG A 120 14.83 18.59 2.33
N ASP A 121 14.60 19.80 2.83
CA ASP A 121 15.58 20.44 3.76
C ASP A 121 15.45 19.86 5.18
N LYS A 122 14.49 18.95 5.45
CA LYS A 122 14.41 18.19 6.76
C LYS A 122 14.63 16.68 6.55
N LEU A 123 15.16 16.31 5.41
CA LEU A 123 15.30 14.90 4.97
C LEU A 123 16.74 14.61 4.57
N ALA A 124 17.31 13.57 5.18
CA ALA A 124 18.60 13.00 4.77
C ALA A 124 18.28 11.68 4.06
N GLU A 125 18.67 11.62 2.78
CA GLU A 125 18.49 10.47 1.88
C GLU A 125 19.84 9.75 1.79
N LEU A 126 20.13 8.92 2.76
CA LEU A 126 21.52 8.49 3.03
C LEU A 126 22.06 7.65 1.87
N HIS A 127 21.23 6.81 1.22
CA HIS A 127 21.65 5.79 0.22
C HIS A 127 21.22 6.24 -1.17
N GLY A 128 20.69 7.47 -1.25
CA GLY A 128 20.25 8.08 -2.51
C GLY A 128 18.76 7.86 -2.75
N ASN A 129 18.32 8.27 -3.93
CA ASN A 129 16.90 8.32 -4.36
C ASN A 129 16.87 7.98 -5.83
N MET A 130 16.07 6.99 -6.20
CA MET A 130 15.96 6.44 -7.57
C MET A 130 15.47 7.51 -8.55
N PHE A 131 14.74 8.53 -8.08
CA PHE A 131 14.13 9.60 -8.93
C PHE A 131 14.98 10.87 -9.01
N VAL A 132 16.13 10.86 -8.39
CA VAL A 132 17.01 12.05 -8.17
C VAL A 132 18.31 11.84 -8.92
N GLU A 133 18.61 12.73 -9.90
CA GLU A 133 19.95 12.75 -10.53
C GLU A 133 20.65 14.06 -10.15
N GLU A 134 21.98 14.05 -10.22
CA GLU A 134 22.84 15.15 -9.71
C GLU A 134 23.89 15.52 -10.76
N CYS A 135 24.05 16.82 -10.99
CA CYS A 135 25.06 17.35 -11.94
C CYS A 135 26.44 17.24 -11.29
N ALA A 136 27.36 16.52 -11.93
CA ALA A 136 28.74 16.38 -11.44
C ALA A 136 29.41 17.76 -11.30
N LYS A 137 29.14 18.68 -12.24
CA LYS A 137 29.78 20.02 -12.25
C LYS A 137 29.27 20.88 -11.09
N CYS A 138 27.96 21.19 -11.02
CA CYS A 138 27.45 22.20 -10.06
C CYS A 138 26.65 21.59 -8.90
N LYS A 139 26.43 20.27 -8.88
CA LYS A 139 25.77 19.55 -7.75
C LYS A 139 24.28 19.90 -7.69
N THR A 140 23.73 20.55 -8.73
CA THR A 140 22.26 20.81 -8.78
C THR A 140 21.58 19.45 -8.91
N GLN A 141 20.64 19.17 -8.00
CA GLN A 141 19.80 17.94 -8.02
C GLN A 141 18.51 18.20 -8.79
N TYR A 142 18.05 17.16 -9.47
CA TYR A 142 16.83 17.12 -10.28
C TYR A 142 15.99 15.98 -9.71
N VAL A 143 14.76 16.28 -9.28
CA VAL A 143 13.81 15.26 -8.77
C VAL A 143 12.88 14.93 -9.94
N ARG A 144 13.05 13.75 -10.57
CA ARG A 144 12.28 13.35 -11.79
C ARG A 144 10.98 12.65 -11.37
N ASP A 145 9.97 12.69 -12.24
CA ASP A 145 8.68 11.92 -12.15
C ASP A 145 8.87 10.43 -12.44
N THR A 146 9.97 10.02 -13.07
CA THR A 146 10.25 8.58 -13.30
C THR A 146 11.61 8.25 -12.72
N VAL A 147 11.90 6.96 -12.54
CA VAL A 147 13.20 6.51 -11.96
C VAL A 147 14.29 6.85 -12.98
N VAL A 148 15.36 7.47 -12.51
CA VAL A 148 16.66 7.60 -13.22
C VAL A 148 17.19 6.18 -13.49
N GLY A 149 17.51 5.87 -14.74
CA GLY A 149 17.69 4.51 -15.27
C GLY A 149 18.99 3.83 -14.86
N THR A 150 19.82 4.44 -14.01
CA THR A 150 21.15 3.89 -13.63
C THR A 150 21.35 3.85 -12.12
N MET A 151 22.26 3.00 -11.66
CA MET A 151 22.68 2.91 -10.25
C MET A 151 24.20 2.93 -10.15
N GLY A 152 24.73 3.42 -9.04
CA GLY A 152 26.17 3.49 -8.73
C GLY A 152 26.82 4.81 -9.10
N LEU A 153 26.04 5.90 -9.16
CA LEU A 153 26.53 7.28 -9.47
C LEU A 153 27.05 7.31 -10.93
N LYS A 154 26.31 6.74 -11.86
CA LYS A 154 26.68 6.62 -13.31
C LYS A 154 26.07 7.78 -14.11
N ALA A 155 26.61 8.05 -15.30
CA ALA A 155 26.05 8.98 -16.30
C ALA A 155 24.67 8.49 -16.76
N THR A 156 23.63 9.31 -16.55
CA THR A 156 22.21 9.02 -16.94
C THR A 156 21.99 9.32 -18.42
N GLY A 157 22.83 10.17 -19.01
CA GLY A 157 22.76 10.57 -20.42
C GLY A 157 22.15 11.96 -20.60
N ARG A 158 21.67 12.59 -19.52
CA ARG A 158 21.07 13.95 -19.58
C ARG A 158 22.06 15.00 -19.08
N LEU A 159 21.84 16.26 -19.44
CA LEU A 159 22.74 17.39 -19.12
C LEU A 159 22.01 18.42 -18.26
N CYS A 160 22.78 19.04 -17.39
CA CYS A 160 22.35 20.13 -16.50
C CYS A 160 21.78 21.27 -17.33
N THR A 161 20.67 21.87 -16.90
CA THR A 161 19.98 22.99 -17.61
C THR A 161 20.14 24.30 -16.83
N VAL A 162 21.00 24.34 -15.81
CA VAL A 162 21.18 25.54 -14.94
C VAL A 162 21.72 26.70 -15.81
N ALA A 163 21.11 27.89 -15.69
CA ALA A 163 21.34 29.07 -16.57
C ALA A 163 22.80 29.13 -17.02
N CYS A 171 25.49 25.27 -18.03
CA CYS A 171 26.33 24.28 -17.31
C CYS A 171 26.61 23.08 -18.22
N ARG A 172 25.57 22.45 -18.77
CA ARG A 172 25.66 21.26 -19.65
C ARG A 172 26.48 20.16 -18.96
N GLY A 173 26.50 20.18 -17.62
CA GLY A 173 27.21 19.17 -16.81
C GLY A 173 26.52 17.81 -16.89
N GLU A 174 27.31 16.75 -16.90
CA GLU A 174 26.88 15.32 -16.84
C GLU A 174 26.01 15.11 -15.59
N LEU A 175 24.74 14.74 -15.80
CA LEU A 175 23.86 14.20 -14.74
C LEU A 175 24.22 12.76 -14.40
N ARG A 176 24.23 12.46 -13.10
CA ARG A 176 24.52 11.11 -12.55
C ARG A 176 23.42 10.73 -11.54
N ASP A 177 23.08 9.45 -11.48
CA ASP A 177 22.17 8.91 -10.43
C ASP A 177 22.82 9.18 -9.06
N THR A 178 22.03 9.05 -7.99
CA THR A 178 22.48 9.28 -6.60
C THR A 178 22.45 7.97 -5.84
N ILE A 179 22.32 6.84 -6.54
CA ILE A 179 22.23 5.48 -5.92
C ILE A 179 23.64 4.99 -5.65
N LEU A 180 24.00 4.92 -4.38
CA LEU A 180 25.33 4.40 -3.91
C LEU A 180 25.43 2.91 -4.22
N ASP A 181 26.60 2.51 -4.72
CA ASP A 181 27.04 1.08 -4.74
C ASP A 181 27.70 0.77 -3.40
N TRP A 182 28.02 -0.52 -3.19
CA TRP A 182 28.58 -1.05 -1.92
C TRP A 182 29.82 -0.24 -1.49
N GLU A 183 30.70 0.08 -2.43
CA GLU A 183 32.01 0.73 -2.10
C GLU A 183 31.84 2.23 -1.82
N ASP A 184 30.74 2.84 -2.28
CA ASP A 184 30.55 4.32 -2.25
C ASP A 184 30.23 4.79 -0.83
N SER A 185 30.96 5.78 -0.33
CA SER A 185 30.70 6.47 0.97
C SER A 185 29.42 7.30 0.85
N LEU A 186 28.74 7.56 1.98
CA LEU A 186 27.46 8.29 2.06
C LEU A 186 27.64 9.73 1.57
N PRO A 187 26.61 10.40 1.02
CA PRO A 187 26.73 11.82 0.71
C PRO A 187 27.06 12.63 1.97
N ASP A 188 28.05 13.53 1.87
CA ASP A 188 28.62 14.24 3.04
C ASP A 188 27.58 15.18 3.65
N ARG A 189 26.77 15.85 2.84
CA ARG A 189 25.72 16.81 3.30
C ARG A 189 24.66 16.03 4.08
N ASP A 190 24.16 14.94 3.51
CA ASP A 190 23.06 14.13 4.10
C ASP A 190 23.57 13.51 5.40
N LEU A 191 24.75 12.89 5.40
CA LEU A 191 25.34 12.27 6.61
C LEU A 191 25.59 13.34 7.69
N ALA A 192 26.14 14.49 7.31
CA ALA A 192 26.51 15.56 8.25
C ALA A 192 25.25 16.05 8.99
N LEU A 193 24.18 16.38 8.25
CA LEU A 193 22.89 16.88 8.82
C LEU A 193 22.20 15.78 9.65
N ALA A 194 22.14 14.54 9.13
CA ALA A 194 21.65 13.33 9.84
C ALA A 194 22.40 13.17 11.17
N ASP A 195 23.73 13.31 11.16
CA ASP A 195 24.55 13.08 12.37
C ASP A 195 24.20 14.17 13.41
N GLU A 196 24.18 15.43 12.99
CA GLU A 196 23.87 16.62 13.83
C GLU A 196 22.46 16.47 14.43
N ALA A 197 21.44 16.24 13.59
CA ALA A 197 20.08 15.90 14.06
C ALA A 197 20.11 14.87 15.20
N SER A 198 20.82 13.76 14.98
CA SER A 198 20.83 12.54 15.83
C SER A 198 21.46 12.90 17.18
N ARG A 199 22.63 13.52 17.14
CA ARG A 199 23.42 13.91 18.35
C ARG A 199 22.58 14.83 19.25
N ASN A 200 21.92 15.82 18.65
CA ASN A 200 21.16 16.93 19.29
C ASN A 200 19.73 16.52 19.64
N ALA A 201 19.25 15.39 19.13
CA ALA A 201 17.88 14.93 19.43
C ALA A 201 17.87 14.36 20.86
N ASP A 202 16.77 14.49 21.59
CA ASP A 202 16.52 13.83 22.90
C ASP A 202 15.60 12.63 22.67
N LEU A 203 15.04 12.50 21.47
CA LEU A 203 14.27 11.30 21.08
C LEU A 203 14.57 10.92 19.62
N SER A 204 15.07 9.70 19.42
CA SER A 204 15.20 9.03 18.09
C SER A 204 14.22 7.87 18.06
N ILE A 205 13.37 7.84 17.06
CA ILE A 205 12.36 6.76 16.80
C ILE A 205 12.82 6.06 15.52
N THR A 206 13.10 4.76 15.58
CA THR A 206 13.42 4.00 14.33
C THR A 206 12.13 3.28 13.87
N LEU A 207 11.89 3.27 12.57
CA LEU A 207 10.70 2.64 11.90
C LEU A 207 11.16 1.70 10.76
N GLY A 208 10.86 0.40 10.83
CA GLY A 208 11.13 -0.55 9.72
C GLY A 208 12.54 -0.50 9.21
N THR A 209 13.56 -0.40 10.09
CA THR A 209 14.97 -0.68 9.71
C THR A 209 15.59 -1.68 10.70
N SER A 210 16.36 -2.60 10.18
CA SER A 210 17.09 -3.58 11.04
C SER A 210 18.33 -2.91 11.66
N LEU A 211 18.77 -1.76 11.13
CA LEU A 211 19.93 -0.96 11.70
C LEU A 211 21.29 -1.68 11.55
N GLN A 212 21.44 -2.49 10.50
CA GLN A 212 22.61 -3.37 10.30
C GLN A 212 23.70 -2.65 9.49
N ILE A 213 23.36 -1.55 8.80
CA ILE A 213 24.29 -0.80 7.92
C ILE A 213 25.02 0.22 8.79
N ARG A 214 26.33 0.28 8.65
CA ARG A 214 27.19 1.37 9.19
C ARG A 214 27.44 2.35 8.07
N PRO A 215 27.33 3.68 8.30
CA PRO A 215 26.95 4.23 9.61
C PRO A 215 25.45 4.52 9.87
N SER A 216 24.63 4.47 8.82
CA SER A 216 23.16 4.73 8.83
C SER A 216 22.47 4.17 10.09
N GLY A 217 22.60 2.87 10.32
CA GLY A 217 22.02 2.12 11.47
C GLY A 217 22.57 2.55 12.80
N ASN A 218 23.74 3.21 12.84
CA ASN A 218 24.38 3.66 14.11
C ASN A 218 23.88 5.04 14.51
N LEU A 219 23.34 5.84 13.58
CA LEU A 219 22.93 7.24 13.87
C LEU A 219 21.98 7.29 15.07
N PRO A 220 20.94 6.44 15.15
CA PRO A 220 20.02 6.52 16.28
C PRO A 220 20.75 6.38 17.63
N LEU A 221 21.90 5.67 17.69
CA LEU A 221 22.64 5.44 18.98
C LEU A 221 23.24 6.75 19.49
N ALA A 222 23.55 7.68 18.58
CA ALA A 222 24.18 8.99 18.87
C ALA A 222 23.23 9.81 19.76
N THR A 223 21.92 9.59 19.62
CA THR A 223 20.90 10.33 20.40
C THR A 223 21.01 9.93 21.87
N LYS A 224 21.42 8.70 22.12
CA LYS A 224 21.54 8.17 23.50
C LYS A 224 22.58 9.00 24.26
N ARG A 225 23.56 9.54 23.54
CA ARG A 225 24.56 10.43 24.16
C ARG A 225 23.87 11.61 24.85
N ARG A 226 24.33 11.94 26.05
CA ARG A 226 23.76 13.06 26.86
C ARG A 226 22.28 12.78 27.14
N GLY A 227 21.92 11.52 27.36
CA GLY A 227 20.67 11.14 28.06
C GLY A 227 19.49 11.07 27.11
N GLY A 228 19.72 11.08 25.80
CA GLY A 228 18.62 10.95 24.83
C GLY A 228 17.94 9.61 24.97
N ARG A 229 16.73 9.51 24.42
CA ARG A 229 15.93 8.26 24.41
C ARG A 229 15.86 7.70 22.99
N LEU A 230 15.91 6.38 22.89
CA LEU A 230 15.84 5.65 21.60
C LEU A 230 14.57 4.76 21.63
N VAL A 231 13.72 4.91 20.63
CA VAL A 231 12.57 3.98 20.41
C VAL A 231 12.85 3.19 19.11
N ILE A 232 12.73 1.86 19.13
CA ILE A 232 12.85 1.02 17.91
C ILE A 232 11.49 0.36 17.56
N VAL A 233 10.88 0.72 16.42
CA VAL A 233 9.68 0.03 15.90
C VAL A 233 10.11 -0.88 14.75
N ASN A 234 9.89 -2.20 14.88
CA ASN A 234 10.37 -3.21 13.88
C ASN A 234 9.76 -4.58 14.19
N LEU A 235 9.39 -5.30 13.14
CA LEU A 235 8.82 -6.66 13.27
C LEU A 235 9.93 -7.65 13.66
N GLN A 236 11.16 -7.48 13.15
CA GLN A 236 12.32 -8.35 13.47
C GLN A 236 13.17 -7.71 14.57
N PRO A 237 14.01 -8.51 15.27
CA PRO A 237 15.12 -7.95 16.04
C PRO A 237 15.99 -7.03 15.18
N THR A 238 16.64 -6.04 15.80
CA THR A 238 17.54 -5.09 15.11
C THR A 238 18.89 -5.12 15.80
N LYS A 239 19.90 -4.59 15.12
CA LYS A 239 21.31 -4.64 15.62
C LYS A 239 21.36 -4.01 17.01
N HIS A 240 20.61 -2.95 17.29
CA HIS A 240 20.76 -2.14 18.52
C HIS A 240 19.60 -2.32 19.49
N ASP A 241 18.89 -3.45 19.45
CA ASP A 241 17.77 -3.73 20.38
C ASP A 241 18.22 -3.46 21.82
N ARG A 242 19.39 -3.94 22.24
CA ARG A 242 19.90 -3.77 23.63
C ARG A 242 19.90 -2.29 24.06
N HIS A 243 20.08 -1.33 23.16
CA HIS A 243 20.26 0.10 23.51
C HIS A 243 18.93 0.87 23.46
N ALA A 244 17.80 0.22 23.15
CA ALA A 244 16.50 0.92 23.04
C ALA A 244 15.85 1.07 24.42
N ASP A 245 15.24 2.23 24.65
CA ASP A 245 14.41 2.53 25.84
C ASP A 245 13.08 1.79 25.67
N LEU A 246 12.67 1.61 24.42
CA LEU A 246 11.34 1.04 24.05
C LEU A 246 11.49 0.33 22.70
N ARG A 247 11.08 -0.93 22.62
CA ARG A 247 11.04 -1.70 21.36
C ARG A 247 9.58 -2.04 21.11
N ILE A 248 9.06 -1.64 19.96
CA ILE A 248 7.68 -2.00 19.58
C ILE A 248 7.73 -2.95 18.37
N HIS A 249 7.12 -4.11 18.55
CA HIS A 249 7.05 -5.22 17.57
C HIS A 249 5.65 -5.27 16.96
N GLY A 250 5.43 -4.52 15.88
CA GLY A 250 4.12 -4.56 15.20
C GLY A 250 4.32 -3.91 13.88
N TYR A 251 3.27 -3.89 13.06
CA TYR A 251 3.25 -3.21 11.74
C TYR A 251 3.33 -1.70 11.95
N VAL A 252 4.28 -1.03 11.28
CA VAL A 252 4.56 0.41 11.51
C VAL A 252 3.30 1.24 11.25
N ASP A 253 2.44 0.84 10.31
CA ASP A 253 1.17 1.55 10.01
C ASP A 253 0.22 1.49 11.24
N GLU A 254 0.08 0.34 11.89
CA GLU A 254 -0.72 0.20 13.14
C GLU A 254 -0.15 1.14 14.18
N VAL A 255 1.17 1.12 14.35
CA VAL A 255 1.84 1.89 15.43
C VAL A 255 1.57 3.36 15.15
N MET A 256 1.88 3.82 13.95
CA MET A 256 1.80 5.26 13.56
C MET A 256 0.33 5.71 13.54
N THR A 257 -0.66 4.87 13.19
CA THR A 257 -2.07 5.35 13.20
C THR A 257 -2.51 5.56 14.66
N ARG A 258 -2.20 4.61 15.53
CA ARG A 258 -2.51 4.70 16.98
C ARG A 258 -1.81 5.89 17.61
N LEU A 259 -0.54 6.11 17.28
CA LEU A 259 0.24 7.28 17.71
C LEU A 259 -0.49 8.56 17.32
N MET A 260 -0.81 8.75 16.03
CA MET A 260 -1.44 10.01 15.56
C MET A 260 -2.75 10.24 16.32
N LYS A 261 -3.53 9.17 16.48
CA LYS A 261 -4.81 9.20 17.25
C LYS A 261 -4.51 9.75 18.64
N HIS A 262 -3.54 9.18 19.38
CA HIS A 262 -3.11 9.63 20.74
C HIS A 262 -2.71 11.12 20.72
N LEU A 263 -1.99 11.58 19.69
CA LEU A 263 -1.50 12.98 19.59
C LEU A 263 -2.59 13.92 19.02
N GLY A 264 -3.74 13.39 18.60
CA GLY A 264 -4.90 14.20 18.15
C GLY A 264 -4.67 14.82 16.78
N LEU A 265 -3.94 14.10 15.92
CA LEU A 265 -3.53 14.49 14.54
C LEU A 265 -4.20 13.58 13.53
N GLU A 266 -4.74 14.20 12.49
CA GLU A 266 -5.27 13.53 11.28
C GLU A 266 -4.06 13.12 10.42
N ILE A 267 -4.19 12.02 9.69
CA ILE A 267 -3.17 11.63 8.67
C ILE A 267 -3.65 12.27 7.37
N PRO A 268 -2.88 13.20 6.80
CA PRO A 268 -3.34 14.02 5.67
C PRO A 268 -3.40 13.27 4.33
N ALA A 269 -4.30 13.71 3.44
CA ALA A 269 -4.49 13.21 2.05
C ALA A 269 -3.18 13.37 1.24
N TRP A 270 -2.89 12.39 0.39
CA TRP A 270 -1.83 12.46 -0.65
C TRP A 270 -2.46 12.91 -1.97
N ASP A 271 -2.10 14.11 -2.41
CA ASP A 271 -2.61 14.75 -3.65
C ASP A 271 -1.81 14.22 -4.86
N GLY A 272 -1.09 13.10 -4.71
CA GLY A 272 -0.19 12.56 -5.75
C GLY A 272 1.24 13.10 -5.61
N PRO A 273 2.19 12.69 -6.47
CA PRO A 273 3.61 12.99 -6.25
C PRO A 273 3.83 14.49 -6.28
N ARG A 274 4.40 15.04 -5.22
CA ARG A 274 4.62 16.49 -5.08
C ARG A 274 5.95 16.60 -4.39
N VAL A 275 6.79 17.47 -4.91
CA VAL A 275 8.11 17.84 -4.35
C VAL A 275 8.01 19.16 -3.58
N LEU A 276 8.41 19.12 -2.31
CA LEU A 276 8.57 20.33 -1.46
C LEU A 276 10.05 20.51 -1.13
N GLU A 277 10.70 21.55 -1.68
CA GLU A 277 12.14 21.83 -1.40
C GLU A 277 12.32 22.28 0.05
N ARG A 278 11.49 23.21 0.54
CA ARG A 278 11.69 23.85 1.86
C ARG A 278 10.44 23.68 2.73
N ALA A 279 10.68 23.21 3.96
CA ALA A 279 9.68 23.14 5.06
C ALA A 279 8.92 24.46 5.14
N LEU A 280 7.60 24.36 5.20
CA LEU A 280 6.64 25.47 5.44
C LEU A 280 6.62 25.83 6.92
N PRO A 281 6.08 27.02 7.29
CA PRO A 281 5.95 27.42 8.69
C PRO A 281 5.06 26.42 9.41
N PRO A 282 5.35 26.16 10.71
CA PRO A 282 4.59 25.23 11.56
C PRO A 282 3.10 25.50 11.69
N LEU A 283 2.30 24.43 11.62
CA LEU A 283 0.85 24.54 11.78
C LEU A 283 0.54 24.35 13.24
N PRO A 284 -0.68 24.75 13.68
CA PRO A 284 -1.12 24.59 15.06
C PRO A 284 -1.12 23.10 15.39
N ARG A 285 -0.94 22.77 16.67
CA ARG A 285 -1.14 21.37 17.12
C ARG A 285 -1.90 21.35 18.44
N PRO A 286 -2.48 20.18 18.80
CA PRO A 286 -3.20 20.02 20.06
C PRO A 286 -2.34 20.42 21.26
N PRO A 287 -2.98 20.93 22.34
CA PRO A 287 -2.28 21.09 23.62
C PRO A 287 -1.86 19.71 24.13
N THR A 288 -0.77 19.71 24.87
CA THR A 288 -0.13 18.52 25.48
C THR A 288 -0.88 18.09 26.73
N PRO A 289 -1.10 16.76 26.95
CA PRO A 289 -1.63 16.27 28.23
C PRO A 289 -0.70 16.53 29.41
N LYS A 290 -1.28 16.61 30.62
CA LYS A 290 -0.51 16.54 31.89
C LYS A 290 0.08 15.13 31.95
N LEU A 291 1.38 15.01 32.21
CA LEU A 291 2.08 13.70 32.14
C LEU A 291 2.46 13.21 33.55
N GLU A 292 3.45 13.83 34.19
CA GLU A 292 4.17 13.25 35.36
C GLU A 292 3.26 12.23 36.07
N LYS B 9 -6.73 -26.35 -5.71
CA LYS B 9 -6.42 -24.89 -5.53
C LYS B 9 -6.03 -24.25 -6.87
N GLY B 10 -6.10 -25.02 -7.96
CA GLY B 10 -6.00 -24.52 -9.35
C GLY B 10 -4.57 -24.31 -9.79
N LYS B 11 -4.37 -23.57 -10.88
CA LYS B 11 -3.04 -23.24 -11.44
C LYS B 11 -2.41 -22.14 -10.59
N CYS B 12 -1.33 -22.47 -9.89
CA CYS B 12 -0.60 -21.53 -8.99
C CYS B 12 0.78 -21.23 -9.55
N GLY B 13 1.23 -19.99 -9.38
CA GLY B 13 2.62 -19.57 -9.61
C GLY B 13 2.95 -19.42 -11.09
N LEU B 14 1.96 -19.25 -11.97
CA LEU B 14 2.20 -19.00 -13.42
C LEU B 14 3.09 -17.76 -13.59
N PRO B 15 3.98 -17.73 -14.61
CA PRO B 15 4.81 -16.55 -14.86
C PRO B 15 3.98 -15.28 -15.08
N GLU B 16 4.52 -14.13 -14.69
CA GLU B 16 3.90 -12.80 -14.94
C GLU B 16 4.17 -12.35 -16.37
N ILE B 17 3.24 -11.55 -16.92
CA ILE B 17 3.33 -10.92 -18.26
C ILE B 17 3.29 -9.43 -17.99
N PHE B 18 4.24 -8.69 -18.57
CA PHE B 18 4.33 -7.21 -18.56
C PHE B 18 4.23 -6.70 -19.99
N ASP B 19 3.12 -6.05 -20.34
CA ASP B 19 3.02 -5.27 -21.59
C ASP B 19 4.12 -4.21 -21.58
N PRO B 20 4.91 -4.06 -22.65
CA PRO B 20 5.80 -2.91 -22.77
C PRO B 20 5.01 -1.62 -22.66
N PRO B 21 5.63 -0.54 -22.10
CA PRO B 21 4.96 0.75 -21.88
C PRO B 21 4.12 1.30 -23.03
N GLU B 22 4.65 1.24 -24.26
CA GLU B 22 3.95 1.81 -25.44
C GLU B 22 2.63 1.06 -25.60
N GLU B 23 2.67 -0.28 -25.53
CA GLU B 23 1.51 -1.19 -25.71
C GLU B 23 0.56 -0.98 -24.53
N LEU B 24 1.11 -0.94 -23.32
CA LEU B 24 0.38 -0.68 -22.06
C LEU B 24 -0.41 0.62 -22.22
N GLU B 25 0.24 1.69 -22.68
CA GLU B 25 -0.40 3.01 -22.87
C GLU B 25 -1.55 2.89 -23.87
N ARG B 26 -1.35 2.18 -24.99
CA ARG B 26 -2.38 2.11 -26.04
C ARG B 26 -3.59 1.34 -25.50
N LYS B 27 -3.34 0.25 -24.79
CA LYS B 27 -4.43 -0.60 -24.27
C LYS B 27 -5.25 0.19 -23.25
N VAL B 28 -4.59 1.04 -22.45
CA VAL B 28 -5.35 1.82 -21.43
C VAL B 28 -6.21 2.87 -22.14
N TRP B 29 -5.74 3.45 -23.25
CA TRP B 29 -6.59 4.35 -24.08
C TRP B 29 -7.77 3.55 -24.65
N GLU B 30 -7.55 2.35 -25.19
CA GLU B 30 -8.64 1.43 -25.66
C GLU B 30 -9.65 1.15 -24.55
N LEU B 31 -9.20 0.97 -23.31
CA LEU B 31 -10.10 0.70 -22.16
C LEU B 31 -10.95 1.96 -21.92
N ALA B 32 -10.31 3.12 -21.88
CA ALA B 32 -10.98 4.45 -21.80
C ALA B 32 -12.08 4.50 -22.87
N ARG B 33 -11.72 4.24 -24.13
CA ARG B 33 -12.66 4.24 -25.28
C ARG B 33 -13.85 3.34 -24.92
N LEU B 34 -13.60 2.12 -24.45
CA LEU B 34 -14.65 1.14 -24.08
C LEU B 34 -15.55 1.68 -22.95
N VAL B 35 -14.98 2.23 -21.88
CA VAL B 35 -15.78 2.82 -20.75
C VAL B 35 -16.71 3.90 -21.29
N TRP B 36 -16.19 4.83 -22.07
CA TRP B 36 -16.95 5.98 -22.67
C TRP B 36 -18.15 5.48 -23.49
N GLN B 37 -18.02 4.37 -24.22
CA GLN B 37 -19.05 3.90 -25.18
C GLN B 37 -20.08 2.98 -24.52
N SER B 38 -19.79 2.45 -23.35
CA SER B 38 -20.63 1.42 -22.69
C SER B 38 -21.70 2.06 -21.82
N SER B 39 -22.94 1.57 -21.93
CA SER B 39 -24.11 2.00 -21.10
C SER B 39 -23.98 1.43 -19.68
N SER B 40 -23.54 0.19 -19.55
CA SER B 40 -23.58 -0.57 -18.28
C SER B 40 -22.23 -1.26 -18.07
N VAL B 41 -21.42 -0.72 -17.15
CA VAL B 41 -20.03 -1.20 -16.89
C VAL B 41 -20.02 -1.88 -15.52
N VAL B 42 -19.58 -3.14 -15.50
CA VAL B 42 -19.45 -3.99 -14.29
C VAL B 42 -17.97 -4.33 -14.12
N PHE B 43 -17.50 -4.15 -12.90
CA PHE B 43 -16.10 -4.45 -12.50
C PHE B 43 -16.16 -5.70 -11.64
N HIS B 44 -15.28 -6.64 -11.96
CA HIS B 44 -15.01 -7.87 -11.20
C HIS B 44 -13.61 -7.77 -10.58
N THR B 45 -13.48 -7.90 -9.26
CA THR B 45 -12.18 -7.74 -8.58
C THR B 45 -11.84 -9.02 -7.82
N GLY B 46 -10.56 -9.28 -7.66
CA GLY B 46 -10.00 -10.35 -6.84
C GLY B 46 -8.76 -9.85 -6.13
N ALA B 47 -8.02 -10.80 -5.58
CA ALA B 47 -6.96 -10.60 -4.57
C ALA B 47 -5.90 -9.65 -5.10
N GLY B 48 -5.62 -9.67 -6.40
CA GLY B 48 -4.56 -8.83 -7.01
C GLY B 48 -4.75 -7.33 -6.78
N ILE B 49 -5.96 -6.84 -6.52
CA ILE B 49 -6.18 -5.37 -6.29
C ILE B 49 -5.83 -4.95 -4.84
N SER B 50 -5.45 -5.89 -3.96
CA SER B 50 -5.05 -5.64 -2.54
C SER B 50 -3.58 -5.97 -2.27
N THR B 51 -2.86 -6.55 -3.24
CA THR B 51 -1.42 -6.87 -3.12
C THR B 51 -0.63 -5.59 -2.84
N ALA B 52 -1.02 -4.44 -3.44
CA ALA B 52 -0.33 -3.14 -3.23
C ALA B 52 -0.63 -2.51 -1.84
N SER B 53 -1.48 -3.13 -1.01
CA SER B 53 -1.70 -2.74 0.40
C SER B 53 -1.05 -3.71 1.40
N GLY B 54 -0.23 -4.63 0.90
CA GLY B 54 0.48 -5.61 1.76
C GLY B 54 -0.26 -6.92 1.96
N ILE B 55 -1.38 -7.14 1.27
CA ILE B 55 -2.18 -8.40 1.44
C ILE B 55 -1.86 -9.37 0.31
N PRO B 56 -1.23 -10.55 0.55
CA PRO B 56 -0.80 -11.39 -0.55
C PRO B 56 -2.01 -11.98 -1.29
N ASP B 57 -1.84 -12.34 -2.55
CA ASP B 57 -2.93 -13.02 -3.31
C ASP B 57 -2.81 -14.51 -2.99
N PHE B 58 -3.47 -15.35 -3.80
CA PHE B 58 -3.56 -16.81 -3.64
C PHE B 58 -2.61 -17.54 -4.59
N ARG B 59 -2.58 -17.16 -5.88
CA ARG B 59 -2.00 -17.95 -7.02
C ARG B 59 -0.86 -17.20 -7.71
N GLY B 60 -0.55 -15.98 -7.26
CA GLY B 60 0.61 -15.22 -7.77
C GLY B 60 1.94 -15.84 -7.36
N PRO B 61 3.07 -15.26 -7.80
CA PRO B 61 4.38 -15.81 -7.49
C PRO B 61 4.57 -16.03 -5.99
N HIS B 62 4.04 -15.13 -5.14
CA HIS B 62 4.14 -15.22 -3.65
C HIS B 62 2.74 -15.32 -3.05
N GLY B 63 1.79 -15.88 -3.80
CA GLY B 63 0.42 -16.08 -3.32
C GLY B 63 0.35 -17.13 -2.23
N VAL B 64 -0.71 -17.11 -1.43
CA VAL B 64 -0.92 -18.10 -0.31
C VAL B 64 -0.71 -19.53 -0.85
N TRP B 65 -1.52 -19.95 -1.83
CA TRP B 65 -1.52 -21.36 -2.32
C TRP B 65 -0.17 -21.67 -2.97
N THR B 66 0.34 -20.75 -3.79
CA THR B 66 1.65 -20.85 -4.48
C THR B 66 2.78 -21.06 -3.47
N MET B 67 2.78 -20.31 -2.37
CA MET B 67 3.83 -20.40 -1.31
C MET B 67 3.65 -21.72 -0.54
N GLU B 68 2.40 -22.12 -0.26
CA GLU B 68 2.07 -23.41 0.42
C GLU B 68 2.57 -24.61 -0.41
N GLU B 69 2.31 -24.60 -1.73
CA GLU B 69 2.78 -25.67 -2.65
C GLU B 69 4.30 -25.82 -2.55
N ARG B 70 5.03 -24.75 -2.23
CA ARG B 70 6.51 -24.77 -2.20
C ARG B 70 7.00 -24.90 -0.76
N GLY B 71 6.11 -25.22 0.17
CA GLY B 71 6.50 -25.38 1.58
C GLY B 71 7.01 -24.08 2.16
N LEU B 72 6.48 -22.95 1.71
CA LEU B 72 6.83 -21.61 2.26
C LEU B 72 5.55 -20.97 2.81
N ALA B 73 5.65 -19.78 3.40
CA ALA B 73 4.47 -19.10 3.99
C ALA B 73 4.16 -17.82 3.21
N PRO B 74 2.88 -17.44 3.07
CA PRO B 74 2.53 -16.11 2.56
C PRO B 74 2.95 -15.05 3.58
N LYS B 75 3.28 -13.87 3.08
CA LYS B 75 3.74 -12.77 3.96
C LYS B 75 2.73 -11.63 3.85
N PHE B 76 2.23 -11.20 5.00
CA PHE B 76 1.36 -10.02 5.22
C PHE B 76 2.23 -8.84 5.66
N ASP B 77 2.07 -7.68 5.00
CA ASP B 77 2.77 -6.42 5.37
C ASP B 77 1.81 -5.50 6.14
N THR B 78 0.56 -5.94 6.37
CA THR B 78 -0.51 -5.24 7.11
C THR B 78 -1.36 -6.26 7.86
N THR B 79 -2.08 -5.85 8.90
CA THR B 79 -3.25 -6.62 9.38
C THR B 79 -4.44 -6.26 8.51
N PHE B 80 -5.51 -7.03 8.57
CA PHE B 80 -6.73 -6.67 7.81
C PHE B 80 -7.24 -5.30 8.29
N GLU B 81 -7.17 -5.07 9.59
CA GLU B 81 -7.69 -3.80 10.19
C GLU B 81 -6.88 -2.57 9.76
N SER B 82 -5.57 -2.71 9.57
CA SER B 82 -4.63 -1.60 9.30
C SER B 82 -4.38 -1.45 7.78
N ALA B 83 -4.99 -2.29 6.93
CA ALA B 83 -4.85 -2.23 5.45
C ALA B 83 -5.50 -0.93 5.00
N ARG B 84 -4.90 -0.21 4.05
CA ARG B 84 -5.62 0.94 3.45
C ARG B 84 -6.07 0.52 2.05
N PRO B 85 -7.25 1.00 1.57
CA PRO B 85 -7.68 0.81 0.18
C PRO B 85 -6.58 1.35 -0.73
N THR B 86 -6.27 0.57 -1.77
CA THR B 86 -5.33 0.93 -2.86
C THR B 86 -5.91 2.08 -3.67
N GLN B 87 -5.08 2.63 -4.56
CA GLN B 87 -5.47 3.60 -5.62
C GLN B 87 -6.62 2.95 -6.43
N THR B 88 -6.54 1.65 -6.76
CA THR B 88 -7.60 0.94 -7.52
C THR B 88 -8.92 0.93 -6.74
N HIS B 89 -8.91 0.61 -5.45
CA HIS B 89 -10.13 0.62 -4.59
C HIS B 89 -10.78 1.99 -4.63
N MET B 90 -9.99 3.05 -4.51
CA MET B 90 -10.52 4.42 -4.49
C MET B 90 -10.95 4.88 -5.90
N ALA B 91 -10.32 4.39 -6.97
CA ALA B 91 -10.77 4.74 -8.33
C ALA B 91 -12.19 4.18 -8.47
N LEU B 92 -12.43 2.97 -8.00
CA LEU B 92 -13.76 2.28 -8.17
C LEU B 92 -14.81 3.09 -7.40
N VAL B 93 -14.44 3.68 -6.26
CA VAL B 93 -15.34 4.54 -5.42
C VAL B 93 -15.79 5.68 -6.33
N GLN B 94 -14.84 6.36 -6.96
CA GLN B 94 -15.14 7.55 -7.78
C GLN B 94 -15.97 7.15 -9.00
N LEU B 95 -15.59 6.06 -9.70
CA LEU B 95 -16.24 5.56 -10.96
C LEU B 95 -17.72 5.28 -10.67
N GLU B 96 -18.01 4.73 -9.51
CA GLU B 96 -19.42 4.54 -9.08
C GLU B 96 -20.07 5.89 -8.83
N ARG B 97 -19.37 6.81 -8.19
CA ARG B 97 -19.93 8.10 -7.69
C ARG B 97 -20.42 8.96 -8.85
N VAL B 98 -19.75 8.86 -10.00
CA VAL B 98 -20.00 9.70 -11.22
C VAL B 98 -20.83 8.90 -12.25
N GLY B 99 -21.29 7.70 -11.89
CA GLY B 99 -22.24 6.91 -12.71
C GLY B 99 -21.58 6.02 -13.77
N LEU B 100 -20.26 5.89 -13.79
CA LEU B 100 -19.49 5.14 -14.82
C LEU B 100 -19.29 3.65 -14.43
N LEU B 101 -19.57 3.29 -13.18
CA LEU B 101 -19.62 1.89 -12.66
C LEU B 101 -21.08 1.58 -12.33
N ARG B 102 -21.67 0.60 -13.02
CA ARG B 102 -23.05 0.10 -12.74
C ARG B 102 -23.03 -0.76 -11.47
N PHE B 103 -22.14 -1.76 -11.39
CA PHE B 103 -22.09 -2.72 -10.26
C PHE B 103 -20.66 -3.28 -10.12
N LEU B 104 -20.34 -3.79 -8.93
CA LEU B 104 -19.00 -4.28 -8.56
C LEU B 104 -19.15 -5.67 -7.94
N VAL B 105 -18.55 -6.65 -8.58
CA VAL B 105 -18.56 -8.07 -8.14
C VAL B 105 -17.17 -8.41 -7.61
N SER B 106 -17.04 -8.81 -6.34
CA SER B 106 -15.73 -9.11 -5.71
C SER B 106 -15.65 -10.52 -5.12
N GLN B 107 -14.52 -11.18 -5.35
CA GLN B 107 -14.16 -12.45 -4.69
C GLN B 107 -13.45 -12.20 -3.35
N ASN B 108 -13.16 -10.94 -3.00
CA ASN B 108 -12.23 -10.61 -1.90
C ASN B 108 -12.95 -10.65 -0.56
N VAL B 109 -12.36 -11.31 0.43
CA VAL B 109 -12.89 -11.32 1.83
C VAL B 109 -12.21 -10.25 2.71
N ASP B 110 -11.26 -9.51 2.14
CA ASP B 110 -10.36 -8.61 2.89
C ASP B 110 -11.10 -7.34 3.41
N GLY B 111 -12.39 -7.14 3.13
CA GLY B 111 -13.18 -6.01 3.69
C GLY B 111 -12.91 -4.62 3.08
N LEU B 112 -11.96 -4.49 2.14
CA LEU B 112 -11.40 -3.18 1.66
C LEU B 112 -12.42 -2.40 0.82
N HIS B 113 -13.24 -3.04 0.00
CA HIS B 113 -14.27 -2.30 -0.78
C HIS B 113 -15.24 -1.56 0.16
N VAL B 114 -15.81 -2.27 1.15
CA VAL B 114 -16.73 -1.69 2.17
C VAL B 114 -16.04 -0.55 2.91
N ARG B 115 -14.83 -0.82 3.41
CA ARG B 115 -14.11 0.19 4.25
C ARG B 115 -13.66 1.39 3.40
N SER B 116 -13.53 1.23 2.08
CA SER B 116 -13.24 2.34 1.16
C SER B 116 -14.41 3.32 1.09
N GLY B 117 -15.63 2.94 1.56
CA GLY B 117 -16.88 3.72 1.44
C GLY B 117 -17.67 3.41 0.16
N PHE B 118 -17.44 2.25 -0.45
CA PHE B 118 -18.07 1.84 -1.72
C PHE B 118 -19.46 1.37 -1.32
N PRO B 119 -20.53 1.74 -2.06
CA PRO B 119 -21.91 1.48 -1.62
C PRO B 119 -22.28 -0.01 -1.72
N ARG B 120 -22.74 -0.55 -0.59
CA ARG B 120 -22.94 -2.01 -0.36
C ARG B 120 -24.08 -2.47 -1.26
N ASP B 121 -24.99 -1.57 -1.63
CA ASP B 121 -26.10 -1.94 -2.54
C ASP B 121 -25.60 -2.02 -3.98
N LYS B 122 -24.32 -1.68 -4.27
CA LYS B 122 -23.75 -1.89 -5.64
C LYS B 122 -22.60 -2.91 -5.64
N LEU B 123 -22.45 -3.67 -4.55
CA LEU B 123 -21.34 -4.60 -4.30
C LEU B 123 -21.88 -6.01 -4.02
N ALA B 124 -21.45 -6.99 -4.79
CA ALA B 124 -21.58 -8.43 -4.45
C ALA B 124 -20.27 -8.89 -3.84
N GLU B 125 -20.31 -9.33 -2.56
CA GLU B 125 -19.17 -9.96 -1.82
C GLU B 125 -19.34 -11.48 -1.87
N LEU B 126 -18.88 -12.09 -2.95
CA LEU B 126 -19.26 -13.48 -3.33
C LEU B 126 -18.73 -14.48 -2.31
N HIS B 127 -17.58 -14.24 -1.67
CA HIS B 127 -16.85 -15.24 -0.83
C HIS B 127 -16.95 -14.82 0.63
N GLY B 128 -17.73 -13.75 0.86
CA GLY B 128 -17.97 -13.03 2.14
C GLY B 128 -16.94 -11.93 2.41
N ASN B 129 -16.94 -11.49 3.66
CA ASN B 129 -16.19 -10.33 4.20
C ASN B 129 -15.81 -10.65 5.64
N MET B 130 -14.51 -10.52 5.94
CA MET B 130 -13.94 -10.90 7.27
C MET B 130 -14.53 -10.01 8.36
N PHE B 131 -15.01 -8.80 8.05
CA PHE B 131 -15.53 -7.85 9.07
C PHE B 131 -17.05 -7.99 9.25
N VAL B 132 -17.68 -8.85 8.47
CA VAL B 132 -19.17 -8.97 8.36
C VAL B 132 -19.63 -10.27 9.01
N GLU B 133 -20.49 -10.14 10.02
CA GLU B 133 -21.23 -11.27 10.62
C GLU B 133 -22.72 -11.08 10.33
N GLU B 134 -23.45 -12.20 10.30
CA GLU B 134 -24.86 -12.28 9.89
C GLU B 134 -25.63 -13.06 10.96
N CYS B 135 -26.79 -12.55 11.33
CA CYS B 135 -27.74 -13.21 12.26
C CYS B 135 -28.45 -14.34 11.50
N ALA B 136 -28.31 -15.56 11.98
CA ALA B 136 -28.98 -16.74 11.38
C ALA B 136 -30.49 -16.53 11.35
N LYS B 137 -31.06 -15.92 12.41
CA LYS B 137 -32.53 -15.77 12.55
C LYS B 137 -33.07 -14.76 11.52
N CYS B 138 -32.63 -13.50 11.56
CA CYS B 138 -33.27 -12.42 10.77
C CYS B 138 -32.41 -11.99 9.56
N LYS B 139 -31.19 -12.52 9.43
CA LYS B 139 -30.26 -12.24 8.30
C LYS B 139 -29.80 -10.78 8.34
N THR B 140 -29.97 -10.07 9.45
CA THR B 140 -29.41 -8.70 9.59
C THR B 140 -27.89 -8.82 9.64
N GLN B 141 -27.19 -8.08 8.77
CA GLN B 141 -25.71 -8.08 8.70
C GLN B 141 -25.15 -6.97 9.57
N TYR B 142 -24.03 -7.24 10.21
CA TYR B 142 -23.27 -6.30 11.05
C TYR B 142 -21.89 -6.12 10.45
N VAL B 143 -21.56 -4.89 10.06
CA VAL B 143 -20.20 -4.55 9.53
C VAL B 143 -19.38 -4.04 10.70
N ARG B 144 -18.42 -4.87 11.14
CA ARG B 144 -17.61 -4.59 12.36
C ARG B 144 -16.33 -3.86 11.94
N ASP B 145 -15.74 -3.10 12.86
CA ASP B 145 -14.42 -2.41 12.77
C ASP B 145 -13.22 -3.37 12.90
N THR B 146 -13.39 -4.59 13.42
CA THR B 146 -12.31 -5.62 13.46
C THR B 146 -12.78 -6.88 12.76
N VAL B 147 -11.85 -7.77 12.39
CA VAL B 147 -12.22 -9.04 11.71
C VAL B 147 -13.07 -9.85 12.69
N VAL B 148 -14.19 -10.39 12.20
CA VAL B 148 -14.95 -11.42 12.94
C VAL B 148 -14.04 -12.65 13.07
N GLY B 149 -13.97 -13.24 14.26
CA GLY B 149 -12.90 -14.16 14.68
C GLY B 149 -12.98 -15.55 14.08
N THR B 150 -14.06 -15.91 13.38
CA THR B 150 -14.28 -17.29 12.85
C THR B 150 -14.41 -17.29 11.32
N MET B 151 -14.20 -18.46 10.70
CA MET B 151 -14.45 -18.69 9.26
C MET B 151 -15.27 -19.98 9.10
N GLY B 152 -16.05 -20.06 8.02
CA GLY B 152 -16.85 -21.24 7.65
C GLY B 152 -18.29 -21.14 8.12
N LEU B 153 -18.82 -19.91 8.23
CA LEU B 153 -20.22 -19.61 8.67
C LEU B 153 -20.47 -20.16 10.08
N LYS B 154 -19.52 -19.95 11.00
CA LYS B 154 -19.58 -20.46 12.40
C LYS B 154 -20.15 -19.40 13.35
N ALA B 155 -20.61 -19.83 14.54
CA ALA B 155 -21.03 -18.95 15.65
C ALA B 155 -19.83 -18.10 16.09
N THR B 156 -20.00 -16.77 16.11
CA THR B 156 -18.96 -15.77 16.48
C THR B 156 -18.96 -15.57 18.00
N GLY B 157 -20.09 -15.88 18.65
CA GLY B 157 -20.30 -15.75 20.10
C GLY B 157 -21.16 -14.55 20.44
N ARG B 158 -21.51 -13.71 19.45
CA ARG B 158 -22.31 -12.48 19.67
C ARG B 158 -23.76 -12.71 19.24
N LEU B 159 -24.68 -11.86 19.71
CA LEU B 159 -26.14 -11.98 19.46
C LEU B 159 -26.69 -10.73 18.75
N CYS B 160 -27.68 -10.95 17.89
CA CYS B 160 -28.42 -9.91 17.15
C CYS B 160 -29.03 -8.91 18.14
N THR B 161 -28.94 -7.61 17.84
CA THR B 161 -29.47 -6.50 18.68
C THR B 161 -30.68 -5.85 18.03
N VAL B 162 -31.25 -6.45 16.97
CA VAL B 162 -32.42 -5.88 16.23
C VAL B 162 -33.62 -5.85 17.18
N ALA B 163 -34.33 -4.70 17.25
CA ALA B 163 -35.37 -4.36 18.25
C ALA B 163 -36.22 -5.59 18.57
N CYS B 171 -34.18 -9.95 19.08
CA CYS B 171 -33.97 -11.15 18.21
C CYS B 171 -33.04 -12.13 18.93
N ARG B 172 -31.95 -11.62 19.51
CA ARG B 172 -30.95 -12.42 20.26
C ARG B 172 -30.51 -13.62 19.42
N GLY B 173 -30.62 -13.51 18.09
CA GLY B 173 -30.21 -14.56 17.15
C GLY B 173 -28.69 -14.74 17.13
N GLU B 174 -28.26 -15.98 16.96
CA GLU B 174 -26.83 -16.37 16.83
C GLU B 174 -26.22 -15.61 15.64
N LEU B 175 -25.16 -14.83 15.88
CA LEU B 175 -24.36 -14.18 14.81
C LEU B 175 -23.32 -15.17 14.30
N ARG B 176 -23.15 -15.20 12.98
CA ARG B 176 -22.22 -16.11 12.27
C ARG B 176 -21.36 -15.30 11.31
N ASP B 177 -20.10 -15.70 11.12
CA ASP B 177 -19.21 -15.12 10.08
C ASP B 177 -19.84 -15.37 8.71
N THR B 178 -19.38 -14.65 7.69
CA THR B 178 -19.86 -14.75 6.29
C THR B 178 -18.78 -15.38 5.39
N ILE B 179 -17.73 -15.94 5.98
CA ILE B 179 -16.60 -16.54 5.20
C ILE B 179 -16.98 -17.96 4.80
N LEU B 180 -17.17 -18.17 3.50
CA LEU B 180 -17.47 -19.50 2.90
C LEU B 180 -16.27 -20.44 3.06
N ASP B 181 -16.53 -21.67 3.50
CA ASP B 181 -15.56 -22.80 3.36
C ASP B 181 -15.71 -23.37 1.95
N TRP B 182 -14.85 -24.33 1.59
CA TRP B 182 -14.74 -24.94 0.23
C TRP B 182 -16.10 -25.52 -0.20
N GLU B 183 -16.81 -26.17 0.72
CA GLU B 183 -18.05 -26.91 0.39
C GLU B 183 -19.24 -25.95 0.26
N ASP B 184 -19.12 -24.72 0.78
CA ASP B 184 -20.25 -23.77 0.92
C ASP B 184 -20.55 -23.14 -0.44
N SER B 185 -21.83 -23.17 -0.83
CA SER B 185 -22.37 -22.47 -2.03
C SER B 185 -22.36 -20.97 -1.72
N LEU B 186 -22.24 -20.15 -2.77
CA LEU B 186 -22.16 -18.66 -2.68
C LEU B 186 -23.48 -18.11 -2.13
N PRO B 187 -23.48 -16.95 -1.43
CA PRO B 187 -24.72 -16.34 -0.97
C PRO B 187 -25.62 -16.05 -2.18
N ASP B 188 -26.89 -16.44 -2.08
CA ASP B 188 -27.89 -16.37 -3.18
C ASP B 188 -28.15 -14.92 -3.60
N ARG B 189 -28.26 -14.00 -2.64
CA ARG B 189 -28.54 -12.57 -2.94
C ARG B 189 -27.41 -11.99 -3.79
N ASP B 190 -26.17 -12.16 -3.32
CA ASP B 190 -24.93 -11.59 -3.94
C ASP B 190 -24.74 -12.21 -5.32
N LEU B 191 -24.90 -13.53 -5.44
CA LEU B 191 -24.67 -14.26 -6.73
C LEU B 191 -25.72 -13.84 -7.75
N ALA B 192 -26.98 -13.81 -7.34
CA ALA B 192 -28.13 -13.37 -8.17
C ALA B 192 -27.90 -11.95 -8.71
N LEU B 193 -27.63 -10.95 -7.86
CA LEU B 193 -27.35 -9.56 -8.33
C LEU B 193 -26.09 -9.53 -9.21
N ALA B 194 -25.03 -10.23 -8.79
CA ALA B 194 -23.77 -10.37 -9.57
C ALA B 194 -24.10 -10.93 -10.96
N ASP B 195 -24.92 -11.99 -11.03
CA ASP B 195 -25.27 -12.66 -12.32
C ASP B 195 -26.08 -11.69 -13.19
N GLU B 196 -27.10 -11.02 -12.63
CA GLU B 196 -27.96 -10.06 -13.35
C GLU B 196 -27.12 -8.90 -13.92
N ALA B 197 -26.28 -8.29 -13.08
CA ALA B 197 -25.34 -7.22 -13.49
C ALA B 197 -24.50 -7.69 -14.68
N SER B 198 -23.93 -8.89 -14.60
CA SER B 198 -22.98 -9.46 -15.60
C SER B 198 -23.70 -9.66 -16.95
N ARG B 199 -24.89 -10.27 -16.91
CA ARG B 199 -25.69 -10.59 -18.12
C ARG B 199 -26.07 -9.30 -18.86
N ASN B 200 -26.49 -8.26 -18.11
CA ASN B 200 -27.05 -6.98 -18.60
C ASN B 200 -25.97 -5.97 -18.97
N ALA B 201 -24.73 -6.20 -18.54
CA ALA B 201 -23.58 -5.29 -18.80
C ALA B 201 -23.18 -5.42 -20.27
N ASP B 202 -22.76 -4.34 -20.91
CA ASP B 202 -22.13 -4.39 -22.26
C ASP B 202 -20.61 -4.24 -22.15
N LEU B 203 -20.12 -4.02 -20.93
CA LEU B 203 -18.66 -4.05 -20.65
C LEU B 203 -18.40 -4.65 -19.27
N SER B 204 -17.63 -5.73 -19.21
CA SER B 204 -17.17 -6.28 -17.92
C SER B 204 -15.65 -6.14 -17.87
N ILE B 205 -15.14 -5.56 -16.81
CA ILE B 205 -13.67 -5.34 -16.66
C ILE B 205 -13.23 -6.18 -15.46
N THR B 206 -12.25 -7.07 -15.67
CA THR B 206 -11.68 -7.86 -14.57
C THR B 206 -10.32 -7.24 -14.12
N LEU B 207 -10.14 -7.14 -12.81
CA LEU B 207 -8.96 -6.54 -12.11
C LEU B 207 -8.38 -7.53 -11.08
N GLY B 208 -7.15 -8.00 -11.32
CA GLY B 208 -6.39 -8.87 -10.39
C GLY B 208 -7.20 -10.05 -9.91
N THR B 209 -7.87 -10.77 -10.81
CA THR B 209 -8.38 -12.13 -10.49
C THR B 209 -7.88 -13.09 -11.57
N SER B 210 -7.58 -14.33 -11.22
CA SER B 210 -7.17 -15.35 -12.21
C SER B 210 -8.39 -16.04 -12.87
N LEU B 211 -9.61 -15.77 -12.39
CA LEU B 211 -10.90 -16.28 -12.96
C LEU B 211 -10.94 -17.82 -12.91
N GLN B 212 -10.35 -18.43 -11.89
CA GLN B 212 -10.19 -19.90 -11.75
C GLN B 212 -11.34 -20.51 -10.93
N ILE B 213 -12.08 -19.70 -10.16
CA ILE B 213 -13.18 -20.18 -9.29
C ILE B 213 -14.48 -20.20 -10.09
N ARG B 214 -15.23 -21.30 -9.98
CA ARG B 214 -16.63 -21.41 -10.46
C ARG B 214 -17.55 -21.16 -9.28
N PRO B 215 -18.62 -20.35 -9.42
CA PRO B 215 -18.96 -19.66 -10.66
C PRO B 215 -18.41 -18.23 -10.82
N SER B 216 -17.82 -17.68 -9.75
CA SER B 216 -17.29 -16.28 -9.65
C SER B 216 -16.48 -15.91 -10.89
N GLY B 217 -15.49 -16.73 -11.21
CA GLY B 217 -14.59 -16.59 -12.38
C GLY B 217 -15.35 -16.59 -13.69
N ASN B 218 -16.53 -17.21 -13.75
CA ASN B 218 -17.33 -17.31 -15.00
C ASN B 218 -18.24 -16.08 -15.20
N LEU B 219 -18.59 -15.33 -14.15
CA LEU B 219 -19.56 -14.20 -14.28
C LEU B 219 -19.14 -13.24 -15.41
N PRO B 220 -17.85 -12.82 -15.53
CA PRO B 220 -17.48 -11.92 -16.62
C PRO B 220 -17.83 -12.44 -18.02
N LEU B 221 -17.80 -13.77 -18.22
CA LEU B 221 -18.11 -14.41 -19.54
C LEU B 221 -19.58 -14.17 -19.93
N ALA B 222 -20.47 -14.00 -18.96
CA ALA B 222 -21.93 -13.79 -19.17
C ALA B 222 -22.16 -12.48 -19.93
N THR B 223 -21.29 -11.49 -19.71
CA THR B 223 -21.32 -10.17 -20.40
C THR B 223 -21.15 -10.40 -21.91
N LYS B 224 -20.31 -11.36 -22.30
CA LYS B 224 -20.02 -11.69 -23.72
C LYS B 224 -21.33 -12.02 -24.46
N ARG B 225 -22.30 -12.63 -23.78
CA ARG B 225 -23.64 -12.97 -24.32
C ARG B 225 -24.33 -11.69 -24.80
N ARG B 226 -24.91 -11.72 -26.00
CA ARG B 226 -25.61 -10.58 -26.66
C ARG B 226 -24.62 -9.42 -26.88
N GLY B 227 -23.35 -9.75 -27.17
CA GLY B 227 -22.41 -8.83 -27.84
C GLY B 227 -21.66 -7.95 -26.86
N GLY B 228 -21.74 -8.24 -25.55
CA GLY B 228 -20.95 -7.51 -24.53
C GLY B 228 -19.46 -7.65 -24.77
N ARG B 229 -18.67 -6.73 -24.22
CA ARG B 229 -17.19 -6.71 -24.33
C ARG B 229 -16.59 -7.15 -22.98
N LEU B 230 -15.47 -7.86 -23.04
CA LEU B 230 -14.74 -8.32 -21.84
C LEU B 230 -13.33 -7.70 -21.86
N VAL B 231 -12.91 -7.09 -20.75
CA VAL B 231 -11.51 -6.62 -20.56
C VAL B 231 -10.95 -7.36 -19.35
N ILE B 232 -9.76 -7.93 -19.47
CA ILE B 232 -9.05 -8.64 -18.38
C ILE B 232 -7.74 -7.88 -18.03
N VAL B 233 -7.64 -7.36 -16.80
CA VAL B 233 -6.41 -6.69 -16.29
C VAL B 233 -5.84 -7.63 -15.23
N ASN B 234 -4.63 -8.13 -15.49
CA ASN B 234 -3.99 -9.20 -14.70
C ASN B 234 -2.53 -9.36 -15.12
N LEU B 235 -1.67 -9.55 -14.13
CA LEU B 235 -0.22 -9.79 -14.35
C LEU B 235 0.00 -11.22 -14.88
N GLN B 236 -0.82 -12.18 -14.46
CA GLN B 236 -0.72 -13.61 -14.90
C GLN B 236 -1.75 -13.88 -15.98
N PRO B 237 -1.56 -14.93 -16.80
CA PRO B 237 -2.64 -15.51 -17.60
C PRO B 237 -3.84 -15.89 -16.73
N THR B 238 -5.06 -15.76 -17.26
CA THR B 238 -6.32 -16.11 -16.55
C THR B 238 -6.97 -17.27 -17.29
N LYS B 239 -7.88 -17.97 -16.60
CA LYS B 239 -8.67 -19.08 -17.20
C LYS B 239 -9.32 -18.64 -18.52
N HIS B 240 -9.79 -17.39 -18.64
CA HIS B 240 -10.68 -16.94 -19.75
C HIS B 240 -9.98 -15.93 -20.68
N ASP B 241 -8.65 -15.91 -20.71
CA ASP B 241 -7.89 -15.01 -21.62
C ASP B 241 -8.49 -15.07 -23.04
N ARG B 242 -8.69 -16.27 -23.58
CA ARG B 242 -9.18 -16.48 -24.97
C ARG B 242 -10.46 -15.66 -25.23
N HIS B 243 -11.31 -15.44 -24.22
CA HIS B 243 -12.64 -14.82 -24.43
C HIS B 243 -12.57 -13.29 -24.31
N ALA B 244 -11.44 -12.70 -23.91
CA ALA B 244 -11.32 -11.23 -23.70
C ALA B 244 -11.18 -10.51 -25.03
N ASP B 245 -11.77 -9.31 -25.11
CA ASP B 245 -11.64 -8.38 -26.26
C ASP B 245 -10.31 -7.62 -26.09
N LEU B 246 -9.80 -7.58 -24.85
CA LEU B 246 -8.63 -6.77 -24.43
C LEU B 246 -8.06 -7.37 -23.15
N ARG B 247 -6.76 -7.70 -23.14
CA ARG B 247 -6.04 -8.19 -21.95
C ARG B 247 -4.95 -7.18 -21.65
N ILE B 248 -4.92 -6.66 -20.42
CA ILE B 248 -3.89 -5.67 -20.02
C ILE B 248 -3.02 -6.33 -18.95
N HIS B 249 -1.74 -6.47 -19.27
CA HIS B 249 -0.72 -7.10 -18.40
C HIS B 249 0.11 -6.00 -17.78
N GLY B 250 -0.30 -5.55 -16.59
CA GLY B 250 0.45 -4.57 -15.78
C GLY B 250 -0.17 -4.47 -14.41
N TYR B 251 0.45 -3.68 -13.54
CA TYR B 251 -0.01 -3.45 -12.14
C TYR B 251 -1.34 -2.67 -12.20
N VAL B 252 -2.37 -3.15 -11.51
CA VAL B 252 -3.74 -2.63 -11.68
C VAL B 252 -3.77 -1.14 -11.28
N ASP B 253 -2.99 -0.76 -10.28
CA ASP B 253 -2.86 0.65 -9.81
C ASP B 253 -2.40 1.55 -10.98
N GLU B 254 -1.40 1.13 -11.75
CA GLU B 254 -0.88 1.90 -12.92
C GLU B 254 -1.98 2.01 -13.97
N VAL B 255 -2.61 0.88 -14.32
CA VAL B 255 -3.71 0.82 -15.30
C VAL B 255 -4.83 1.76 -14.83
N MET B 256 -5.26 1.67 -13.58
CA MET B 256 -6.42 2.46 -13.06
C MET B 256 -6.05 3.96 -12.90
N THR B 257 -4.81 4.34 -12.56
CA THR B 257 -4.43 5.77 -12.46
C THR B 257 -4.38 6.36 -13.87
N ARG B 258 -3.87 5.62 -14.85
CA ARG B 258 -3.89 6.07 -16.26
C ARG B 258 -5.32 6.23 -16.77
N LEU B 259 -6.18 5.23 -16.54
CA LEU B 259 -7.61 5.28 -16.92
C LEU B 259 -8.27 6.54 -16.35
N MET B 260 -8.15 6.78 -15.04
CA MET B 260 -8.83 7.91 -14.35
C MET B 260 -8.34 9.23 -14.99
N LYS B 261 -7.04 9.32 -15.27
CA LYS B 261 -6.44 10.51 -15.92
C LYS B 261 -7.10 10.71 -17.28
N HIS B 262 -7.19 9.66 -18.11
CA HIS B 262 -7.87 9.69 -19.44
C HIS B 262 -9.34 10.11 -19.26
N LEU B 263 -10.02 9.63 -18.22
CA LEU B 263 -11.47 9.92 -18.03
C LEU B 263 -11.67 11.30 -17.40
N GLY B 264 -10.61 11.95 -16.91
CA GLY B 264 -10.67 13.31 -16.34
C GLY B 264 -11.16 13.29 -14.90
N LEU B 265 -10.95 12.17 -14.21
CA LEU B 265 -11.42 11.92 -12.82
C LEU B 265 -10.27 11.91 -11.82
N GLU B 266 -10.45 12.63 -10.70
CA GLU B 266 -9.58 12.61 -9.49
C GLU B 266 -9.78 11.26 -8.78
N ILE B 267 -8.73 10.74 -8.17
CA ILE B 267 -8.87 9.58 -7.23
C ILE B 267 -9.11 10.21 -5.86
N PRO B 268 -10.32 10.02 -5.29
CA PRO B 268 -10.67 10.64 -4.00
C PRO B 268 -9.89 10.19 -2.76
N ALA B 269 -9.77 11.11 -1.80
CA ALA B 269 -9.15 10.90 -0.48
C ALA B 269 -9.95 9.83 0.29
N TRP B 270 -9.24 8.94 0.97
CA TRP B 270 -9.82 7.96 1.93
C TRP B 270 -9.83 8.59 3.32
N ASP B 271 -11.02 8.81 3.87
CA ASP B 271 -11.22 9.47 5.19
C ASP B 271 -11.12 8.44 6.33
N GLY B 272 -10.52 7.27 6.08
CA GLY B 272 -10.52 6.11 6.99
C GLY B 272 -11.72 5.17 6.79
N PRO B 273 -11.83 4.07 7.59
CA PRO B 273 -12.84 3.04 7.35
C PRO B 273 -14.23 3.66 7.49
N ARG B 274 -15.04 3.58 6.45
CA ARG B 274 -16.40 4.19 6.40
C ARG B 274 -17.33 3.26 5.66
N VAL B 275 -18.47 2.96 6.28
CA VAL B 275 -19.49 2.05 5.68
C VAL B 275 -20.61 2.88 5.05
N LEU B 276 -20.83 2.68 3.75
CA LEU B 276 -21.98 3.31 3.03
C LEU B 276 -22.97 2.20 2.68
N GLU B 277 -24.14 2.14 3.30
CA GLU B 277 -25.16 1.09 2.96
C GLU B 277 -25.72 1.34 1.55
N ARG B 278 -26.06 2.58 1.22
CA ARG B 278 -26.78 2.88 -0.04
C ARG B 278 -26.01 3.92 -0.86
N ALA B 279 -25.84 3.61 -2.14
CA ALA B 279 -25.31 4.50 -3.19
C ALA B 279 -26.01 5.86 -3.13
N LEU B 280 -25.22 6.93 -3.09
CA LEU B 280 -25.68 8.35 -3.14
C LEU B 280 -26.03 8.73 -4.57
N PRO B 281 -26.74 9.86 -4.80
CA PRO B 281 -27.08 10.30 -6.16
C PRO B 281 -25.79 10.53 -6.93
N PRO B 282 -25.81 10.27 -8.25
CA PRO B 282 -24.66 10.48 -9.15
C PRO B 282 -24.13 11.93 -9.16
N LEU B 283 -22.80 12.06 -9.13
CA LEU B 283 -22.10 13.35 -9.25
C LEU B 283 -21.89 13.67 -10.72
N PRO B 284 -21.61 14.96 -11.02
CA PRO B 284 -21.25 15.37 -12.37
C PRO B 284 -20.00 14.65 -12.85
N ARG B 285 -19.88 14.44 -14.16
CA ARG B 285 -18.64 13.85 -14.73
C ARG B 285 -18.26 14.63 -15.98
N PRO B 286 -17.01 14.53 -16.47
CA PRO B 286 -16.63 15.28 -17.67
C PRO B 286 -17.44 14.85 -18.89
N PRO B 287 -17.58 15.76 -19.89
CA PRO B 287 -18.19 15.39 -21.16
C PRO B 287 -17.32 14.32 -21.80
N THR B 288 -17.94 13.49 -22.63
CA THR B 288 -17.31 12.40 -23.42
C THR B 288 -16.56 12.93 -24.64
N PRO B 289 -15.38 12.39 -25.00
CA PRO B 289 -14.75 12.72 -26.27
C PRO B 289 -15.57 12.21 -27.47
N LYS B 290 -15.36 12.81 -28.64
CA LYS B 290 -15.80 12.25 -29.93
C LYS B 290 -14.92 11.02 -30.20
N LEU B 291 -15.52 9.89 -30.56
CA LEU B 291 -14.76 8.61 -30.67
C LEU B 291 -14.60 8.20 -32.15
N GLU B 292 -15.69 8.06 -32.92
CA GLU B 292 -15.61 7.74 -34.38
C GLU B 292 -15.56 9.05 -35.20
#